data_9BJR
#
_entry.id   9BJR
#
_cell.length_a   97.989
_cell.length_b   119.970
_cell.length_c   92.290
_cell.angle_alpha   90.000
_cell.angle_beta   90.000
_cell.angle_gamma   90.000
#
_symmetry.space_group_name_H-M   'C 2 2 21'
#
loop_
_entity.id
_entity.type
_entity.pdbx_description
1 polymer 'Glycoside hydrolase family 61 protein'
2 non-polymer 'COPPER (II) ION'
3 non-polymer 'OXYGEN MOLECULE'
4 non-polymer 'ACETATE ION'
5 non-polymer 1,2-ETHANEDIOL
6 water water
#
_entity_poly.entity_id   1
_entity_poly.type   'polypeptide(L)'
_entity_poly.pdbx_seq_one_letter_code
;HAIFQKVSVNGADQGSLTGLRAPNNNNPVQNVNSQDMICGQSGSTSNTIIEVKAGDRIGAWYQHVIGGAQFPNDPDNPIA
KSHKGPVMAYLAKVDNAATASKTGLKWFKIWEDTFNPSTKTWGVDNLINNNGWVYFNLPQCIADGNYLLRVEVLALHSAY
SQGQAQFFQSCAQINVSGGGSFTPASTVSFPGAYSASDPGILINIYGATGQPDNNGQPYTAPGPAPISC
;
_entity_poly.pdbx_strand_id   A,B
#
loop_
_chem_comp.id
_chem_comp.type
_chem_comp.name
_chem_comp.formula
ACT non-polymer 'ACETATE ION' 'C2 H3 O2 -1'
CU non-polymer 'COPPER (II) ION' 'Cu 2'
EDO non-polymer 1,2-ETHANEDIOL 'C2 H6 O2'
OXY non-polymer 'OXYGEN MOLECULE' O2
#
# COMPACT_ATOMS: atom_id res chain seq x y z
N HIS A 1 -17.63 7.21 8.20
CA HIS A 1 -17.84 7.37 9.65
C HIS A 1 -17.02 6.31 10.39
N ALA A 2 -15.99 6.76 11.07
CA ALA A 2 -15.09 5.88 11.80
C ALA A 2 -14.26 6.73 12.76
N ILE A 3 -13.67 6.06 13.75
CA ILE A 3 -12.91 6.73 14.80
C ILE A 3 -11.58 6.02 14.98
N PHE A 4 -10.49 6.77 14.91
CA PHE A 4 -9.17 6.29 15.35
C PHE A 4 -9.20 6.13 16.86
N GLN A 5 -9.09 4.88 17.33
CA GLN A 5 -9.40 4.59 18.72
C GLN A 5 -8.41 3.66 19.42
N LYS A 6 -7.36 3.20 18.75
CA LYS A 6 -6.43 2.28 19.38
C LYS A 6 -5.08 2.35 18.68
N VAL A 7 -4.01 2.16 19.47
CA VAL A 7 -2.64 2.20 18.99
C VAL A 7 -1.98 0.86 19.29
N SER A 8 -1.16 0.37 18.34
CA SER A 8 -0.28 -0.76 18.58
C SER A 8 1.16 -0.33 18.33
N VAL A 9 2.08 -0.87 19.13
CA VAL A 9 3.51 -0.56 19.04
C VAL A 9 4.23 -1.88 18.76
N ASN A 10 4.74 -2.04 17.55
CA ASN A 10 5.39 -3.28 17.12
C ASN A 10 4.50 -4.48 17.37
N GLY A 11 3.22 -4.34 17.05
CA GLY A 11 2.25 -5.40 17.22
C GLY A 11 1.60 -5.47 18.60
N ALA A 12 2.12 -4.74 19.58
CA ALA A 12 1.60 -4.80 20.94
C ALA A 12 0.39 -3.89 21.07
N ASP A 13 -0.79 -4.48 21.25
CA ASP A 13 -2.02 -3.72 21.48
C ASP A 13 -1.91 -2.92 22.77
N GLN A 14 -2.04 -1.59 22.67
CA GLN A 14 -1.95 -0.73 23.84
C GLN A 14 -3.28 -0.60 24.59
N GLY A 15 -4.37 -1.07 24.02
CA GLY A 15 -5.65 -0.98 24.68
C GLY A 15 -6.53 0.09 24.05
N SER A 16 -7.85 -0.16 24.09
CA SER A 16 -8.82 0.76 23.50
C SER A 16 -8.72 2.14 24.14
N LEU A 17 -8.52 3.16 23.31
CA LEU A 17 -8.48 4.56 23.71
C LEU A 17 -7.31 4.91 24.62
N THR A 18 -6.41 3.96 24.87
CA THR A 18 -5.26 4.20 25.73
C THR A 18 -4.33 5.23 25.08
N GLY A 19 -4.17 6.38 25.74
CA GLY A 19 -3.31 7.42 25.24
C GLY A 19 -3.88 8.24 24.11
N LEU A 20 -5.20 8.20 23.91
CA LEU A 20 -5.82 8.87 22.77
C LEU A 20 -6.66 10.06 23.19
N ARG A 21 -6.62 11.10 22.36
CA ARG A 21 -7.62 12.16 22.35
C ARG A 21 -8.49 11.90 21.11
N ALA A 22 -9.63 11.24 21.32
CA ALA A 22 -10.48 10.79 20.24
C ALA A 22 -11.90 11.32 20.40
N PRO A 23 -12.61 11.50 19.29
CA PRO A 23 -14.02 11.94 19.39
C PRO A 23 -14.91 10.85 19.96
N ASN A 24 -16.02 11.28 20.56
CA ASN A 24 -17.02 10.36 21.09
C ASN A 24 -17.93 9.80 20.01
N ASN A 25 -18.06 10.50 18.89
CA ASN A 25 -18.92 10.09 17.79
C ASN A 25 -18.09 9.95 16.53
N ASN A 26 -18.64 9.21 15.56
CA ASN A 26 -17.97 8.95 14.30
C ASN A 26 -18.34 9.96 13.22
N ASN A 27 -19.02 11.05 13.58
CA ASN A 27 -19.40 12.05 12.59
C ASN A 27 -18.16 12.76 12.06
N PRO A 28 -18.13 13.08 10.77
CA PRO A 28 -16.95 13.73 10.19
C PRO A 28 -16.84 15.20 10.57
N VAL A 29 -15.61 15.69 10.54
CA VAL A 29 -15.32 17.11 10.52
C VAL A 29 -15.23 17.55 9.07
N GLN A 30 -15.92 18.63 8.72
CA GLN A 30 -15.95 19.10 7.35
C GLN A 30 -15.47 20.54 7.18
N ASN A 31 -15.29 21.28 8.27
CA ASN A 31 -14.80 22.64 8.22
C ASN A 31 -13.31 22.62 8.53
N VAL A 32 -12.47 22.81 7.50
CA VAL A 32 -11.03 22.71 7.68
C VAL A 32 -10.45 23.85 8.49
N ASN A 33 -11.23 24.88 8.81
CA ASN A 33 -10.77 25.94 9.69
C ASN A 33 -11.17 25.73 11.14
N SER A 34 -11.88 24.65 11.43
CA SER A 34 -12.30 24.35 12.79
C SER A 34 -11.15 23.80 13.61
N GLN A 35 -11.21 24.07 14.92
CA GLN A 35 -10.28 23.45 15.86
C GLN A 35 -10.50 21.95 15.95
N ASP A 36 -11.67 21.45 15.52
CA ASP A 36 -11.92 20.02 15.50
C ASP A 36 -10.99 19.28 14.54
N MET A 37 -10.33 20.00 13.63
CA MET A 37 -9.40 19.36 12.70
C MET A 37 -8.14 18.83 13.38
N ILE A 38 -7.80 19.36 14.56
CA ILE A 38 -6.52 19.02 15.18
C ILE A 38 -6.50 17.58 15.63
N CYS A 39 -7.44 17.20 16.49
CA CYS A 39 -7.48 15.87 17.06
C CYS A 39 -8.87 15.25 16.94
N GLY A 40 -9.66 15.72 15.98
CA GLY A 40 -11.06 15.35 15.91
C GLY A 40 -11.87 16.19 16.87
N GLN A 41 -13.19 15.94 16.87
CA GLN A 41 -14.05 16.56 17.85
C GLN A 41 -13.60 16.20 19.27
N SER A 42 -13.75 17.16 20.18
CA SER A 42 -13.39 16.92 21.57
C SER A 42 -14.26 15.81 22.15
N GLY A 43 -13.62 14.77 22.66
CA GLY A 43 -14.34 13.63 23.22
C GLY A 43 -13.65 13.04 24.44
N SER A 44 -13.09 11.85 24.30
CA SER A 44 -12.37 11.20 25.37
C SER A 44 -10.91 11.64 25.36
N THR A 45 -10.33 11.78 26.56
CA THR A 45 -8.92 12.06 26.73
C THR A 45 -8.34 11.05 27.71
N SER A 46 -7.10 10.65 27.48
CA SER A 46 -6.44 9.65 28.30
C SER A 46 -5.26 10.27 29.04
N ASN A 47 -5.02 9.79 30.25
CA ASN A 47 -3.86 10.23 31.01
C ASN A 47 -2.59 9.49 30.61
N THR A 48 -2.71 8.42 29.83
CA THR A 48 -1.58 7.59 29.47
C THR A 48 -0.78 8.22 28.33
N ILE A 49 0.54 8.13 28.43
CA ILE A 49 1.46 8.52 27.36
C ILE A 49 2.15 7.26 26.88
N ILE A 50 1.98 6.93 25.61
CA ILE A 50 2.45 5.66 25.07
C ILE A 50 3.96 5.74 24.83
N GLU A 51 4.70 4.84 25.45
CA GLU A 51 6.16 4.79 25.29
C GLU A 51 6.51 4.10 23.98
N VAL A 52 7.26 4.79 23.13
CA VAL A 52 7.65 4.27 21.83
C VAL A 52 9.14 4.53 21.62
N LYS A 53 9.74 3.74 20.74
CA LYS A 53 11.09 3.97 20.28
C LYS A 53 11.05 4.53 18.87
N ALA A 54 12.00 5.43 18.57
CA ALA A 54 12.15 5.90 17.20
C ALA A 54 12.38 4.71 16.27
N GLY A 55 11.65 4.69 15.16
CA GLY A 55 11.69 3.59 14.24
C GLY A 55 10.66 2.50 14.49
N ASP A 56 9.90 2.58 15.58
CA ASP A 56 8.92 1.54 15.88
C ASP A 56 7.81 1.51 14.84
N ARG A 57 7.24 0.31 14.65
CA ARG A 57 6.11 0.12 13.77
CA ARG A 57 6.10 0.13 13.76
C ARG A 57 4.82 0.45 14.54
N ILE A 58 4.21 1.57 14.19
CA ILE A 58 3.00 2.06 14.84
C ILE A 58 1.77 1.58 14.05
N GLY A 59 0.77 1.08 14.76
CA GLY A 59 -0.52 0.77 14.17
C GLY A 59 -1.57 1.69 14.72
N ALA A 60 -2.45 2.19 13.84
CA ALA A 60 -3.57 3.04 14.20
C ALA A 60 -4.85 2.36 13.75
N TRP A 61 -5.79 2.17 14.67
CA TRP A 61 -6.98 1.35 14.43
C TRP A 61 -8.20 2.24 14.28
N TYR A 62 -8.85 2.15 13.12
CA TYR A 62 -10.15 2.77 12.90
C TYR A 62 -11.24 1.70 12.99
N GLN A 63 -12.36 2.06 13.61
CA GLN A 63 -13.55 1.22 13.60
C GLN A 63 -14.76 2.12 13.44
N HIS A 64 -15.88 1.52 13.02
CA HIS A 64 -17.08 2.31 12.76
C HIS A 64 -17.49 3.13 13.98
N VAL A 65 -17.59 2.47 15.14
CA VAL A 65 -17.90 3.14 16.40
C VAL A 65 -16.85 2.75 17.43
N ILE A 66 -16.90 3.40 18.58
CA ILE A 66 -16.02 3.05 19.69
C ILE A 66 -16.30 1.61 20.10
N GLY A 67 -15.32 0.73 19.92
CA GLY A 67 -15.43 -0.66 20.32
C GLY A 67 -15.51 -1.64 19.17
N GLY A 68 -15.65 -1.16 17.94
CA GLY A 68 -15.69 -2.05 16.79
C GLY A 68 -16.89 -1.83 15.89
N ALA A 69 -17.45 -2.92 15.37
CA ALA A 69 -18.62 -2.82 14.51
C ALA A 69 -19.82 -2.32 15.32
N GLN A 70 -20.70 -1.59 14.64
CA GLN A 70 -21.90 -1.07 15.30
C GLN A 70 -22.92 -2.17 15.55
N PHE A 71 -22.90 -3.23 14.76
CA PHE A 71 -23.84 -4.33 14.89
C PHE A 71 -23.26 -5.52 14.13
N PRO A 72 -23.80 -6.72 14.35
CA PRO A 72 -23.29 -7.90 13.63
C PRO A 72 -23.32 -7.69 12.12
N ASN A 73 -22.20 -8.03 11.47
CA ASN A 73 -22.04 -7.94 10.02
C ASN A 73 -22.16 -6.50 9.52
N ASP A 74 -21.74 -5.54 10.34
CA ASP A 74 -21.73 -4.13 9.95
C ASP A 74 -20.92 -3.96 8.67
N PRO A 75 -21.55 -3.58 7.56
CA PRO A 75 -20.80 -3.41 6.30
C PRO A 75 -19.93 -2.16 6.29
N ASP A 76 -20.16 -1.21 7.18
CA ASP A 76 -19.37 0.01 7.27
C ASP A 76 -18.32 -0.05 8.36
N ASN A 77 -17.96 -1.27 8.80
CA ASN A 77 -16.82 -1.46 9.69
C ASN A 77 -15.69 -2.09 8.89
N PRO A 78 -14.47 -1.55 8.95
CA PRO A 78 -14.02 -0.43 9.79
C PRO A 78 -14.51 0.94 9.31
N ILE A 79 -14.82 1.05 8.02
CA ILE A 79 -15.34 2.28 7.44
C ILE A 79 -16.02 1.91 6.13
N ALA A 80 -16.99 2.72 5.72
CA ALA A 80 -17.72 2.43 4.48
C ALA A 80 -16.76 2.36 3.30
N LYS A 81 -16.97 1.36 2.45
CA LYS A 81 -16.12 1.14 1.29
C LYS A 81 -16.14 2.30 0.31
N SER A 82 -17.22 3.09 0.31
CA SER A 82 -17.34 4.22 -0.60
C SER A 82 -16.41 5.37 -0.23
N HIS A 83 -15.93 5.38 1.02
CA HIS A 83 -15.16 6.54 1.57
C HIS A 83 -13.72 6.58 1.08
N LYS A 84 -13.51 6.54 -0.24
CA LYS A 84 -12.17 6.58 -0.80
C LYS A 84 -11.44 7.86 -0.39
N GLY A 85 -10.15 7.73 -0.09
CA GLY A 85 -9.34 8.87 0.25
C GLY A 85 -8.00 8.49 0.84
N PRO A 86 -7.17 9.49 1.13
CA PRO A 86 -5.87 9.22 1.74
C PRO A 86 -5.96 9.09 3.25
N VAL A 87 -4.91 8.50 3.82
CA VAL A 87 -4.68 8.49 5.26
C VAL A 87 -3.32 9.15 5.50
N MET A 88 -3.25 9.99 6.53
CA MET A 88 -2.05 10.78 6.80
C MET A 88 -1.74 10.77 8.29
N ALA A 89 -0.45 10.88 8.63
CA ALA A 89 0.00 10.90 10.01
C ALA A 89 0.97 12.07 10.21
N TYR A 90 0.74 12.84 11.27
CA TYR A 90 1.55 14.00 11.61
C TYR A 90 2.08 13.87 13.03
N LEU A 91 3.17 14.57 13.30
CA LEU A 91 3.74 14.69 14.65
C LEU A 91 3.83 16.15 15.05
N ALA A 92 3.58 16.43 16.32
CA ALA A 92 3.81 17.74 16.91
C ALA A 92 4.57 17.57 18.21
N LYS A 93 5.76 18.16 18.29
CA LYS A 93 6.54 18.11 19.53
C LYS A 93 5.83 18.94 20.60
N VAL A 94 5.62 18.32 21.77
CA VAL A 94 5.07 19.00 22.93
C VAL A 94 5.91 18.65 24.14
N ASP A 95 5.85 19.51 25.15
CA ASP A 95 6.54 19.22 26.40
C ASP A 95 5.85 18.08 27.14
N ASN A 96 4.53 18.16 27.29
CA ASN A 96 3.75 17.19 28.07
C ASN A 96 2.55 16.77 27.24
N ALA A 97 2.62 15.56 26.68
CA ALA A 97 1.57 15.10 25.77
C ALA A 97 0.24 14.86 26.48
N ALA A 98 0.24 14.72 27.79
CA ALA A 98 -1.00 14.49 28.54
C ALA A 98 -1.71 15.79 28.90
N THR A 99 -0.98 16.91 29.01
CA THR A 99 -1.57 18.18 29.41
C THR A 99 -1.49 19.27 28.35
N ALA A 100 -0.67 19.12 27.33
CA ALA A 100 -0.51 20.15 26.32
C ALA A 100 -1.84 20.46 25.64
N SER A 101 -2.09 21.75 25.42
CA SER A 101 -3.23 22.15 24.61
C SER A 101 -2.96 21.80 23.15
N LYS A 102 -3.98 21.27 22.49
CA LYS A 102 -3.85 20.93 21.07
C LYS A 102 -3.73 22.15 20.18
N THR A 103 -3.96 23.35 20.73
CA THR A 103 -4.00 24.58 19.94
C THR A 103 -2.59 25.12 19.69
N GLY A 104 -2.35 25.58 18.47
CA GLY A 104 -1.13 26.32 18.16
C GLY A 104 0.12 25.48 18.08
N LEU A 105 0.01 24.18 17.82
CA LEU A 105 1.19 23.35 17.73
C LEU A 105 1.82 23.43 16.34
N LYS A 106 3.05 22.96 16.24
CA LYS A 106 3.81 22.96 15.00
C LYS A 106 3.90 21.53 14.49
N TRP A 107 3.11 21.22 13.46
CA TRP A 107 2.97 19.87 12.94
C TRP A 107 3.88 19.66 11.74
N PHE A 108 4.34 18.41 11.59
CA PHE A 108 5.00 17.99 10.37
C PHE A 108 4.53 16.59 10.03
N LYS A 109 4.36 16.32 8.74
CA LYS A 109 3.87 15.03 8.29
C LYS A 109 5.00 14.01 8.32
N ILE A 110 4.68 12.81 8.78
CA ILE A 110 5.66 11.73 8.82
C ILE A 110 5.31 10.58 7.87
N TRP A 111 4.07 10.48 7.41
CA TRP A 111 3.65 9.34 6.62
C TRP A 111 2.31 9.63 5.96
N GLU A 112 2.09 9.00 4.80
CA GLU A 112 0.78 9.05 4.17
C GLU A 112 0.63 7.88 3.22
N ASP A 113 -0.61 7.45 3.07
CA ASP A 113 -1.03 6.43 2.11
C ASP A 113 -2.14 7.06 1.30
N THR A 114 -1.82 7.56 0.11
CA THR A 114 -2.74 8.43 -0.61
C THR A 114 -3.51 7.67 -1.68
N PHE A 115 -3.03 7.72 -2.92
CA PHE A 115 -3.71 7.03 -4.02
C PHE A 115 -2.67 6.53 -5.01
N ASN A 116 -2.77 5.27 -5.37
CA ASN A 116 -1.90 4.69 -6.37
C ASN A 116 -2.63 4.65 -7.70
N PRO A 117 -2.26 5.46 -8.69
CA PRO A 117 -3.05 5.53 -9.92
C PRO A 117 -3.03 4.25 -10.75
N SER A 118 -1.94 3.49 -10.73
CA SER A 118 -1.91 2.28 -11.56
C SER A 118 -2.71 1.15 -10.93
N THR A 119 -2.74 1.06 -9.60
CA THR A 119 -3.55 0.06 -8.93
C THR A 119 -4.95 0.56 -8.58
N LYS A 120 -5.20 1.87 -8.70
CA LYS A 120 -6.47 2.48 -8.33
C LYS A 120 -6.83 2.19 -6.88
N THR A 121 -5.82 2.21 -6.00
CA THR A 121 -5.98 1.86 -4.61
C THR A 121 -5.78 3.09 -3.74
N TRP A 122 -6.79 3.41 -2.93
CA TRP A 122 -6.72 4.49 -1.97
C TRP A 122 -6.17 3.99 -0.63
N GLY A 123 -5.67 4.93 0.16
CA GLY A 123 -5.24 4.58 1.51
C GLY A 123 -6.35 3.96 2.31
N VAL A 124 -7.58 4.47 2.16
CA VAL A 124 -8.74 3.89 2.84
C VAL A 124 -8.97 2.45 2.40
N ASP A 125 -8.68 2.14 1.12
CA ASP A 125 -8.79 0.76 0.66
C ASP A 125 -7.86 -0.15 1.45
N ASN A 126 -6.62 0.30 1.67
CA ASN A 126 -5.69 -0.50 2.47
C ASN A 126 -6.15 -0.60 3.91
N LEU A 127 -6.68 0.50 4.46
CA LEU A 127 -7.26 0.47 5.80
C LEU A 127 -8.33 -0.60 5.92
N ILE A 128 -9.26 -0.64 4.94
CA ILE A 128 -10.33 -1.63 4.98
C ILE A 128 -9.78 -3.04 4.92
N ASN A 129 -8.81 -3.27 4.02
CA ASN A 129 -8.26 -4.61 3.88
C ASN A 129 -7.42 -5.03 5.08
N ASN A 130 -6.89 -4.07 5.84
CA ASN A 130 -6.16 -4.36 7.08
C ASN A 130 -7.06 -4.31 8.30
N ASN A 131 -8.38 -4.42 8.10
CA ASN A 131 -9.35 -4.50 9.19
C ASN A 131 -9.31 -3.27 10.09
N GLY A 132 -9.13 -2.10 9.47
CA GLY A 132 -9.14 -0.84 10.16
C GLY A 132 -7.78 -0.31 10.56
N TRP A 133 -6.74 -1.13 10.47
CA TRP A 133 -5.40 -0.72 10.85
C TRP A 133 -4.70 0.01 9.71
N VAL A 134 -3.95 1.04 10.07
CA VAL A 134 -2.96 1.63 9.19
C VAL A 134 -1.62 1.55 9.91
N TYR A 135 -0.57 1.20 9.16
CA TYR A 135 0.74 0.92 9.72
C TYR A 135 1.77 1.86 9.14
N PHE A 136 2.62 2.40 10.01
CA PHE A 136 3.70 3.29 9.59
C PHE A 136 4.77 3.29 10.66
N ASN A 137 6.00 3.53 10.24
CA ASN A 137 7.13 3.62 11.15
C ASN A 137 7.35 5.06 11.58
N LEU A 138 7.56 5.26 12.87
CA LEU A 138 8.09 6.54 13.31
C LEU A 138 9.45 6.76 12.68
N PRO A 139 9.77 7.97 12.25
CA PRO A 139 11.11 8.20 11.68
C PRO A 139 12.20 7.87 12.69
N GLN A 140 13.29 7.30 12.19
CA GLN A 140 14.40 6.91 13.06
C GLN A 140 15.06 8.11 13.71
N CYS A 141 14.96 9.29 13.10
CA CYS A 141 15.75 10.45 13.48
C CYS A 141 15.05 11.43 14.41
N ILE A 142 13.74 11.27 14.64
CA ILE A 142 13.02 12.26 15.44
C ILE A 142 13.59 12.29 16.86
N ALA A 143 13.58 13.48 17.46
CA ALA A 143 14.21 13.67 18.75
C ALA A 143 13.37 13.05 19.87
N ASP A 144 14.04 12.72 20.98
CA ASP A 144 13.35 12.15 22.14
C ASP A 144 12.37 13.16 22.73
N GLY A 145 11.38 12.64 23.45
CA GLY A 145 10.44 13.45 24.18
C GLY A 145 9.01 13.18 23.76
N ASN A 146 8.10 14.02 24.27
CA ASN A 146 6.68 13.85 24.03
C ASN A 146 6.26 14.43 22.69
N TYR A 147 5.29 13.77 22.08
CA TYR A 147 4.65 14.26 20.86
C TYR A 147 3.16 13.97 20.93
N LEU A 148 2.39 14.72 20.15
CA LEU A 148 1.06 14.30 19.75
C LEU A 148 1.16 13.64 18.38
N LEU A 149 0.61 12.43 18.26
CA LEU A 149 0.60 11.70 17.01
C LEU A 149 -0.81 11.78 16.42
N ARG A 150 -0.94 12.50 15.32
CA ARG A 150 -2.22 12.81 14.70
C ARG A 150 -2.39 11.94 13.47
N VAL A 151 -3.44 11.11 13.46
CA VAL A 151 -3.76 10.25 12.32
C VAL A 151 -5.10 10.69 11.76
N GLU A 152 -5.19 10.72 10.42
CA GLU A 152 -6.27 11.41 9.74
C GLU A 152 -6.71 10.64 8.51
N VAL A 153 -8.00 10.29 8.45
CA VAL A 153 -8.62 9.74 7.26
C VAL A 153 -9.42 10.84 6.58
N LEU A 154 -9.16 11.06 5.30
CA LEU A 154 -9.87 12.05 4.49
C LEU A 154 -10.73 11.31 3.46
N ALA A 155 -12.04 11.26 3.70
CA ALA A 155 -12.97 10.59 2.80
C ALA A 155 -13.49 11.57 1.76
N LEU A 156 -13.41 11.19 0.48
CA LEU A 156 -13.67 12.08 -0.63
C LEU A 156 -14.91 11.68 -1.44
N HIS A 157 -15.77 10.82 -0.89
CA HIS A 157 -16.89 10.29 -1.66
C HIS A 157 -17.87 11.38 -2.08
N SER A 158 -18.00 12.41 -1.25
CA SER A 158 -18.81 13.59 -1.69
CA SER A 158 -18.79 13.63 -1.61
C SER A 158 -17.99 14.98 -1.69
N ALA A 159 -16.68 14.79 -1.91
CA ALA A 159 -15.81 15.96 -1.88
C ALA A 159 -15.86 16.79 -3.15
N TYR A 160 -16.71 16.42 -4.12
CA TYR A 160 -16.85 17.24 -5.33
C TYR A 160 -17.55 18.56 -5.06
N SER A 161 -18.12 18.75 -3.87
CA SER A 161 -18.70 20.02 -3.46
C SER A 161 -17.84 20.65 -2.38
N GLN A 162 -17.81 21.97 -2.36
CA GLN A 162 -17.00 22.71 -1.39
C GLN A 162 -17.39 22.35 0.04
N GLY A 163 -16.37 22.17 0.88
CA GLY A 163 -16.60 21.86 2.28
C GLY A 163 -17.29 20.55 2.57
N GLN A 164 -17.33 19.63 1.62
CA GLN A 164 -18.01 18.36 1.83
CA GLN A 164 -18.01 18.36 1.85
C GLN A 164 -17.05 17.18 1.94
N ALA A 165 -15.75 17.42 1.86
CA ALA A 165 -14.80 16.38 2.23
C ALA A 165 -14.94 16.08 3.72
N GLN A 166 -14.77 14.81 4.08
CA GLN A 166 -15.02 14.33 5.44
C GLN A 166 -13.70 13.91 6.07
N PHE A 167 -13.44 14.41 7.28
CA PHE A 167 -12.20 14.14 8.00
C PHE A 167 -12.50 13.39 9.29
N PHE A 168 -11.74 12.31 9.53
CA PHE A 168 -11.87 11.50 10.74
C PHE A 168 -10.49 11.44 11.41
N GLN A 169 -10.35 12.16 12.53
CA GLN A 169 -9.06 12.36 13.16
C GLN A 169 -9.12 12.02 14.65
N SER A 170 -7.97 11.59 15.17
CA SER A 170 -7.71 11.50 16.60
C SER A 170 -6.22 11.73 16.82
N CYS A 171 -5.85 12.01 18.07
CA CYS A 171 -4.46 12.18 18.45
C CYS A 171 -4.06 11.13 19.47
N ALA A 172 -2.84 10.61 19.32
CA ALA A 172 -2.26 9.70 20.29
C ALA A 172 -1.12 10.42 21.02
N GLN A 173 -1.07 10.24 22.33
CA GLN A 173 -0.03 10.85 23.16
C GLN A 173 1.11 9.86 23.32
N ILE A 174 2.31 10.24 22.87
CA ILE A 174 3.44 9.34 22.84
C ILE A 174 4.67 10.01 23.43
N ASN A 175 5.61 9.18 23.85
CA ASN A 175 6.94 9.64 24.25
C ASN A 175 7.98 8.81 23.52
N VAL A 176 8.93 9.48 22.87
CA VAL A 176 9.91 8.84 22.02
C VAL A 176 11.21 8.67 22.78
N SER A 177 11.75 7.45 22.75
CA SER A 177 13.07 7.13 23.26
C SER A 177 13.93 6.59 22.12
N GLY A 178 15.24 6.60 22.33
CA GLY A 178 16.17 6.11 21.32
C GLY A 178 16.15 6.89 20.04
N GLY A 179 15.82 8.18 20.10
CA GLY A 179 15.67 8.99 18.91
C GLY A 179 16.96 9.61 18.43
N GLY A 180 16.83 10.43 17.39
CA GLY A 180 17.94 11.16 16.83
C GLY A 180 17.90 12.63 17.14
N SER A 181 18.31 13.47 16.19
CA SER A 181 18.41 14.91 16.40
C SER A 181 17.64 15.68 15.32
N PHE A 182 16.63 15.05 14.72
CA PHE A 182 15.87 15.71 13.68
C PHE A 182 14.99 16.82 14.25
N THR A 183 15.05 17.99 13.63
CA THR A 183 14.07 19.04 13.84
C THR A 183 13.53 19.43 12.46
N PRO A 184 12.22 19.55 12.31
CA PRO A 184 11.66 19.85 10.98
C PRO A 184 12.09 21.23 10.49
N ALA A 185 12.51 21.28 9.22
CA ALA A 185 12.86 22.56 8.63
C ALA A 185 11.66 23.49 8.59
N SER A 186 10.48 22.94 8.27
CA SER A 186 9.25 23.72 8.24
C SER A 186 8.14 22.91 8.89
N THR A 187 7.21 23.62 9.52
CA THR A 187 6.04 23.03 10.15
C THR A 187 4.79 23.73 9.63
N VAL A 188 3.64 23.12 9.90
CA VAL A 188 2.36 23.66 9.49
C VAL A 188 1.44 23.74 10.70
N SER A 189 0.37 24.52 10.56
CA SER A 189 -0.60 24.73 11.61
C SER A 189 -1.87 23.93 11.34
N PHE A 190 -2.53 23.52 12.43
CA PHE A 190 -3.86 22.93 12.35
C PHE A 190 -4.74 23.68 13.34
N PRO A 191 -5.81 24.33 12.89
CA PRO A 191 -6.22 24.47 11.48
C PRO A 191 -5.28 25.41 10.72
N GLY A 192 -5.37 25.46 9.39
CA GLY A 192 -4.55 26.37 8.62
C GLY A 192 -3.79 25.71 7.48
N ALA A 193 -3.33 24.49 7.69
CA ALA A 193 -2.53 23.80 6.66
C ALA A 193 -3.39 23.46 5.45
N TYR A 194 -4.64 23.11 5.66
CA TYR A 194 -5.55 22.73 4.59
C TYR A 194 -6.43 23.91 4.19
N SER A 195 -6.75 23.97 2.90
CA SER A 195 -7.75 24.89 2.39
C SER A 195 -8.82 24.08 1.67
N ALA A 196 -10.07 24.53 1.78
CA ALA A 196 -11.17 23.83 1.13
C ALA A 196 -10.98 23.72 -0.37
N SER A 197 -10.19 24.60 -0.98
CA SER A 197 -9.97 24.61 -2.42
C SER A 197 -8.75 23.79 -2.83
N ASP A 198 -8.10 23.09 -1.90
CA ASP A 198 -6.95 22.29 -2.26
C ASP A 198 -7.35 21.20 -3.27
N PRO A 199 -6.48 20.89 -4.23
CA PRO A 199 -6.85 19.89 -5.25
C PRO A 199 -7.11 18.51 -4.68
N GLY A 200 -6.66 18.21 -3.46
CA GLY A 200 -6.94 16.95 -2.82
C GLY A 200 -8.11 16.96 -1.88
N ILE A 201 -8.77 18.11 -1.72
CA ILE A 201 -9.92 18.26 -0.83
C ILE A 201 -11.18 18.58 -1.63
N LEU A 202 -11.11 19.60 -2.50
CA LEU A 202 -12.17 19.88 -3.46
C LEU A 202 -11.85 19.10 -4.73
N ILE A 203 -12.45 17.93 -4.88
CA ILE A 203 -12.05 16.98 -5.93
C ILE A 203 -13.23 16.08 -6.27
N ASN A 204 -13.34 15.74 -7.55
CA ASN A 204 -14.32 14.77 -8.04
C ASN A 204 -13.55 13.50 -8.39
N ILE A 205 -13.76 12.45 -7.61
CA ILE A 205 -12.92 11.26 -7.70
C ILE A 205 -13.54 10.24 -8.65
N TYR A 206 -14.67 10.59 -9.25
CA TYR A 206 -15.46 9.64 -10.03
C TYR A 206 -15.07 9.69 -11.50
N GLY A 207 -14.88 8.51 -12.09
CA GLY A 207 -14.44 8.40 -13.46
C GLY A 207 -15.58 8.19 -14.43
N ALA A 208 -15.25 7.67 -15.61
CA ALA A 208 -16.22 7.56 -16.69
C ALA A 208 -17.38 6.66 -16.33
N THR A 209 -17.09 5.49 -15.74
CA THR A 209 -18.12 4.52 -15.41
C THR A 209 -18.70 4.73 -14.01
N GLY A 210 -18.47 5.91 -13.42
CA GLY A 210 -18.99 6.19 -12.09
C GLY A 210 -18.21 5.56 -10.96
N GLN A 211 -17.00 5.05 -11.23
CA GLN A 211 -16.16 4.44 -10.21
C GLN A 211 -15.28 5.49 -9.54
N PRO A 212 -15.02 5.33 -8.24
CA PRO A 212 -14.15 6.28 -7.51
C PRO A 212 -12.67 5.99 -7.73
N ASP A 213 -12.25 6.04 -9.00
CA ASP A 213 -10.88 5.73 -9.39
C ASP A 213 -10.05 6.96 -9.73
N ASN A 214 -10.58 8.15 -9.48
CA ASN A 214 -9.91 9.42 -9.78
C ASN A 214 -9.51 9.53 -11.24
N ASN A 215 -10.24 8.81 -12.12
CA ASN A 215 -9.91 8.74 -13.54
C ASN A 215 -8.49 8.28 -13.79
N GLY A 216 -7.95 7.46 -12.89
CA GLY A 216 -6.58 7.00 -13.02
C GLY A 216 -5.54 8.10 -12.95
N GLN A 217 -5.91 9.27 -12.44
CA GLN A 217 -5.04 10.44 -12.39
C GLN A 217 -4.31 10.51 -11.05
N PRO A 218 -3.10 11.10 -11.02
CA PRO A 218 -2.41 11.25 -9.74
C PRO A 218 -3.21 12.13 -8.81
N TYR A 219 -3.09 11.84 -7.51
CA TYR A 219 -3.78 12.56 -6.44
C TYR A 219 -2.76 13.29 -5.58
N THR A 220 -3.08 14.53 -5.24
CA THR A 220 -2.22 15.38 -4.42
C THR A 220 -2.85 15.51 -3.03
N ALA A 221 -2.26 14.83 -2.06
CA ALA A 221 -2.73 14.95 -0.69
C ALA A 221 -2.48 16.37 -0.17
N PRO A 222 -3.36 16.91 0.64
CA PRO A 222 -3.14 18.24 1.20
C PRO A 222 -2.05 18.21 2.27
N GLY A 223 -1.57 19.41 2.62
CA GLY A 223 -0.55 19.55 3.62
C GLY A 223 0.84 19.37 3.06
N PRO A 224 1.85 19.44 3.94
CA PRO A 224 3.24 19.30 3.48
C PRO A 224 3.57 17.84 3.14
N ALA A 225 4.70 17.68 2.46
CA ALA A 225 5.20 16.35 2.15
C ALA A 225 5.76 15.69 3.40
N PRO A 226 5.75 14.36 3.47
CA PRO A 226 6.34 13.67 4.62
C PRO A 226 7.82 14.01 4.74
N ILE A 227 8.27 14.18 5.98
CA ILE A 227 9.69 14.47 6.22
C ILE A 227 10.53 13.23 5.91
N SER A 228 11.82 13.46 5.69
CA SER A 228 12.78 12.39 5.44
C SER A 228 13.98 12.56 6.34
N CYS A 229 14.45 11.46 6.92
CA CYS A 229 15.66 11.48 7.75
C CYS A 229 16.90 11.58 6.86
N HIS B 1 17.43 -8.74 -6.60
CA HIS B 1 17.64 -10.17 -6.24
C HIS B 1 16.68 -10.52 -5.11
N ALA B 2 15.60 -11.20 -5.47
CA ALA B 2 14.56 -11.52 -4.51
C ALA B 2 13.73 -12.66 -5.07
N ILE B 3 12.96 -13.29 -4.19
CA ILE B 3 12.15 -14.45 -4.55
C ILE B 3 10.76 -14.26 -3.97
N PHE B 4 9.74 -14.31 -4.83
CA PHE B 4 8.36 -14.45 -4.38
C PHE B 4 8.21 -15.83 -3.76
N GLN B 5 8.02 -15.90 -2.44
CA GLN B 5 8.14 -17.15 -1.72
C GLN B 5 7.01 -17.44 -0.75
N LYS B 6 6.00 -16.58 -0.65
CA LYS B 6 4.93 -16.81 0.32
C LYS B 6 3.69 -16.05 -0.13
N VAL B 7 2.52 -16.65 0.10
CA VAL B 7 1.23 -16.07 -0.25
C VAL B 7 0.43 -15.85 1.03
N SER B 8 -0.31 -14.73 1.08
CA SER B 8 -1.30 -14.51 2.12
C SER B 8 -2.65 -14.21 1.48
N VAL B 9 -3.72 -14.65 2.14
CA VAL B 9 -5.09 -14.43 1.69
C VAL B 9 -5.83 -13.67 2.79
N ASN B 10 -6.14 -12.40 2.54
CA ASN B 10 -6.75 -11.52 3.53
C ASN B 10 -5.95 -11.51 4.82
N GLY B 11 -4.62 -11.52 4.69
CA GLY B 11 -3.73 -11.51 5.82
C GLY B 11 -3.36 -12.86 6.38
N ALA B 12 -4.05 -13.93 5.96
CA ALA B 12 -3.77 -15.27 6.47
C ALA B 12 -2.54 -15.85 5.79
N ASP B 13 -1.48 -16.04 6.56
CA ASP B 13 -0.22 -16.59 6.05
C ASP B 13 -0.41 -18.04 5.65
N GLN B 14 -0.27 -18.34 4.36
CA GLN B 14 -0.38 -19.71 3.87
C GLN B 14 0.87 -20.55 4.14
N GLY B 15 1.95 -19.93 4.56
CA GLY B 15 3.17 -20.66 4.87
C GLY B 15 4.19 -20.58 3.75
N SER B 16 5.47 -20.67 4.13
CA SER B 16 6.57 -20.51 3.18
C SER B 16 6.50 -21.55 2.07
N LEU B 17 6.46 -21.06 0.84
CA LEU B 17 6.47 -21.84 -0.41
C LEU B 17 5.19 -22.64 -0.62
N THR B 18 4.22 -22.56 0.27
CA THR B 18 2.97 -23.28 0.11
C THR B 18 2.22 -22.80 -1.13
N GLY B 19 1.87 -23.74 -2.00
CA GLY B 19 1.14 -23.41 -3.21
C GLY B 19 1.95 -22.74 -4.30
N LEU B 20 3.28 -22.72 -4.18
CA LEU B 20 4.12 -21.94 -5.08
C LEU B 20 4.94 -22.82 -6.00
N ARG B 21 5.13 -22.35 -7.23
CA ARG B 21 6.18 -22.80 -8.13
C ARG B 21 7.18 -21.66 -8.17
N ALA B 22 8.23 -21.77 -7.37
CA ALA B 22 9.16 -20.66 -7.19
C ALA B 22 10.60 -21.11 -7.44
N PRO B 23 11.45 -20.20 -7.89
CA PRO B 23 12.86 -20.57 -8.12
C PRO B 23 13.60 -20.84 -6.82
N ASN B 24 14.68 -21.61 -6.93
CA ASN B 24 15.54 -21.90 -5.79
C ASN B 24 16.49 -20.76 -5.47
N ASN B 25 16.87 -19.99 -6.48
CA ASN B 25 17.82 -18.90 -6.31
C ASN B 25 17.13 -17.58 -6.62
N ASN B 26 17.77 -16.49 -6.21
CA ASN B 26 17.24 -15.15 -6.42
C ASN B 26 17.80 -14.49 -7.67
N ASN B 27 18.51 -15.23 -8.52
CA ASN B 27 19.09 -14.64 -9.71
C ASN B 27 18.00 -14.21 -10.68
N PRO B 28 18.16 -13.08 -11.35
CA PRO B 28 17.10 -12.58 -12.22
C PRO B 28 17.00 -13.34 -13.54
N VAL B 29 15.79 -13.40 -14.07
CA VAL B 29 15.57 -13.80 -15.44
C VAL B 29 15.72 -12.56 -16.32
N GLN B 30 16.59 -12.65 -17.33
CA GLN B 30 16.87 -11.52 -18.19
C GLN B 30 16.57 -11.79 -19.65
N ASN B 31 16.06 -12.96 -19.98
CA ASN B 31 15.70 -13.33 -21.35
C ASN B 31 14.18 -13.45 -21.38
N VAL B 32 13.51 -12.46 -21.98
CA VAL B 32 12.05 -12.43 -22.01
C VAL B 32 11.45 -13.50 -22.90
N ASN B 33 12.28 -14.22 -23.66
CA ASN B 33 11.81 -15.28 -24.53
C ASN B 33 12.10 -16.66 -23.97
N SER B 34 12.61 -16.73 -22.75
CA SER B 34 12.88 -17.98 -22.06
C SER B 34 11.62 -18.47 -21.34
N GLN B 35 11.48 -19.80 -21.26
CA GLN B 35 10.40 -20.39 -20.46
C GLN B 35 10.53 -20.01 -19.00
N ASP B 36 11.72 -19.61 -18.54
CA ASP B 36 11.91 -19.14 -17.18
C ASP B 36 11.03 -17.94 -16.85
N MET B 37 10.54 -17.23 -17.85
CA MET B 37 9.69 -16.06 -17.60
C MET B 37 8.35 -16.44 -17.00
N ILE B 38 7.87 -17.66 -17.22
CA ILE B 38 6.50 -18.01 -16.86
C ILE B 38 6.32 -17.96 -15.35
N CYS B 39 7.13 -18.74 -14.61
CA CYS B 39 7.01 -18.84 -13.17
C CYS B 39 8.36 -18.68 -12.49
N GLY B 40 9.29 -17.99 -13.15
CA GLY B 40 10.67 -17.98 -12.70
C GLY B 40 11.38 -19.25 -13.10
N GLN B 41 12.63 -19.36 -12.68
CA GLN B 41 13.39 -20.58 -12.92
C GLN B 41 12.73 -21.74 -12.19
N SER B 42 12.87 -22.93 -12.77
CA SER B 42 12.35 -24.13 -12.13
C SER B 42 13.05 -24.36 -10.80
N GLY B 43 12.25 -24.58 -9.76
CA GLY B 43 12.78 -24.85 -8.43
C GLY B 43 11.83 -25.70 -7.62
N SER B 44 11.27 -25.12 -6.56
CA SER B 44 10.32 -25.83 -5.73
C SER B 44 8.93 -25.76 -6.36
N THR B 45 8.20 -26.86 -6.26
CA THR B 45 6.78 -26.90 -6.62
C THR B 45 6.02 -27.50 -5.44
N SER B 46 4.80 -27.02 -5.24
CA SER B 46 3.98 -27.44 -4.12
C SER B 46 2.77 -28.21 -4.63
N ASN B 47 2.25 -29.10 -3.78
CA ASN B 47 1.03 -29.81 -4.09
C ASN B 47 -0.22 -29.08 -3.67
N THR B 48 -0.08 -28.01 -2.88
CA THR B 48 -1.23 -27.30 -2.33
C THR B 48 -1.82 -26.35 -3.34
N ILE B 49 -3.15 -26.29 -3.37
CA ILE B 49 -3.90 -25.31 -4.14
C ILE B 49 -4.54 -24.34 -3.16
N ILE B 50 -4.14 -23.07 -3.22
CA ILE B 50 -4.57 -22.08 -2.25
C ILE B 50 -5.99 -21.63 -2.58
N GLU B 51 -6.89 -21.76 -1.61
CA GLU B 51 -8.28 -21.36 -1.80
C GLU B 51 -8.43 -19.86 -1.62
N VAL B 52 -9.04 -19.20 -2.60
CA VAL B 52 -9.27 -17.77 -2.58
C VAL B 52 -10.69 -17.50 -3.02
N LYS B 53 -11.26 -16.42 -2.49
CA LYS B 53 -12.55 -15.91 -2.92
C LYS B 53 -12.31 -14.70 -3.82
N ALA B 54 -13.16 -14.55 -4.84
CA ALA B 54 -13.10 -13.36 -5.67
C ALA B 54 -13.30 -12.13 -4.80
N GLY B 55 -12.43 -11.14 -4.97
CA GLY B 55 -12.42 -9.97 -4.12
C GLY B 55 -11.45 -10.02 -2.96
N ASP B 56 -10.91 -11.20 -2.63
CA ASP B 56 -9.94 -11.31 -1.55
C ASP B 56 -8.68 -10.53 -1.89
N ARG B 57 -8.00 -10.05 -0.84
CA ARG B 57 -6.69 -9.43 -1.00
C ARG B 57 -5.62 -10.52 -0.95
N ILE B 58 -4.84 -10.63 -2.02
CA ILE B 58 -3.73 -11.56 -2.11
C ILE B 58 -2.44 -10.83 -1.73
N GLY B 59 -1.65 -11.43 -0.85
CA GLY B 59 -0.32 -10.94 -0.54
C GLY B 59 0.71 -11.86 -1.17
N ALA B 60 1.71 -11.25 -1.80
CA ALA B 60 2.84 -11.96 -2.38
C ALA B 60 4.11 -11.43 -1.73
N TRP B 61 4.83 -12.31 -1.03
CA TRP B 61 5.97 -11.91 -0.21
C TRP B 61 7.27 -12.14 -0.97
N TYR B 62 8.02 -11.06 -1.16
CA TYR B 62 9.38 -11.13 -1.69
C TYR B 62 10.38 -10.97 -0.56
N GLN B 63 11.44 -11.77 -0.58
CA GLN B 63 12.56 -11.62 0.32
C GLN B 63 13.84 -11.91 -0.46
N HIS B 64 14.96 -11.36 0.05
CA HIS B 64 16.23 -11.48 -0.66
C HIS B 64 16.55 -12.92 -1.01
N VAL B 65 16.42 -13.84 -0.04
CA VAL B 65 16.60 -15.26 -0.25
C VAL B 65 15.42 -16.01 0.36
N ILE B 66 15.40 -17.33 0.16
CA ILE B 66 14.38 -18.15 0.80
C ILE B 66 14.52 -18.05 2.31
N GLY B 67 13.47 -17.57 2.96
CA GLY B 67 13.45 -17.46 4.41
C GLY B 67 13.67 -16.06 4.95
N GLY B 68 14.03 -15.10 4.10
CA GLY B 68 14.21 -13.74 4.56
C GLY B 68 15.56 -13.14 4.22
N ALA B 69 16.15 -12.42 5.16
CA ALA B 69 17.45 -11.79 4.93
C ALA B 69 18.54 -12.83 4.76
N GLN B 70 19.54 -12.49 3.95
CA GLN B 70 20.64 -13.43 3.70
C GLN B 70 21.64 -13.46 4.85
N PHE B 71 21.76 -12.35 5.58
CA PHE B 71 22.70 -12.24 6.69
C PHE B 71 22.25 -11.09 7.57
N PRO B 72 22.79 -10.98 8.79
CA PRO B 72 22.41 -9.86 9.66
C PRO B 72 22.62 -8.51 8.99
N ASN B 73 21.61 -7.65 9.13
CA ASN B 73 21.62 -6.29 8.58
C ASN B 73 21.77 -6.31 7.05
N ASP B 74 21.16 -7.30 6.41
CA ASP B 74 21.13 -7.40 4.95
C ASP B 74 20.44 -6.16 4.40
N PRO B 75 21.16 -5.31 3.65
CA PRO B 75 20.54 -4.10 3.12
C PRO B 75 19.64 -4.36 1.92
N ASP B 76 19.79 -5.51 1.26
CA ASP B 76 19.00 -5.85 0.08
C ASP B 76 17.84 -6.77 0.39
N ASN B 77 17.35 -6.74 1.64
CA ASN B 77 16.11 -7.41 2.00
C ASN B 77 15.05 -6.36 2.28
N PRO B 78 13.86 -6.46 1.68
CA PRO B 78 13.37 -7.55 0.81
C PRO B 78 13.99 -7.54 -0.58
N ILE B 79 14.43 -6.38 -1.05
CA ILE B 79 15.12 -6.27 -2.34
C ILE B 79 15.93 -4.97 -2.28
N ALA B 80 16.96 -4.89 -3.12
CA ALA B 80 17.81 -3.70 -3.14
C ALA B 80 16.99 -2.47 -3.52
N LYS B 81 17.20 -1.37 -2.79
CA LYS B 81 16.43 -0.15 -3.02
C LYS B 81 16.63 0.38 -4.44
N SER B 82 17.77 0.10 -5.05
CA SER B 82 18.08 0.60 -6.38
C SER B 82 17.24 -0.05 -7.47
N HIS B 83 16.62 -1.19 -7.17
CA HIS B 83 15.92 -1.99 -8.20
C HIS B 83 14.54 -1.42 -8.52
N LYS B 84 14.47 -0.15 -8.92
CA LYS B 84 13.21 0.49 -9.27
C LYS B 84 12.57 -0.20 -10.47
N GLY B 85 11.25 -0.36 -10.40
CA GLY B 85 10.50 -0.93 -11.49
C GLY B 85 9.09 -1.27 -11.10
N PRO B 86 8.31 -1.79 -12.04
CA PRO B 86 6.92 -2.15 -11.76
C PRO B 86 6.79 -3.55 -11.19
N VAL B 87 5.64 -3.80 -10.59
CA VAL B 87 5.23 -5.14 -10.17
C VAL B 87 3.93 -5.45 -10.88
N MET B 88 3.82 -6.67 -11.42
CA MET B 88 2.65 -7.05 -12.21
C MET B 88 2.15 -8.42 -11.76
N ALA B 89 0.85 -8.66 -11.97
CA ALA B 89 0.20 -9.91 -11.62
C ALA B 89 -0.67 -10.38 -12.78
N TYR B 90 -0.53 -11.66 -13.15
CA TYR B 90 -1.30 -12.26 -14.22
C TYR B 90 -1.99 -13.52 -13.73
N LEU B 91 -3.13 -13.82 -14.34
CA LEU B 91 -3.85 -15.06 -14.11
C LEU B 91 -3.89 -15.88 -15.39
N ALA B 92 -3.84 -17.20 -15.24
CA ALA B 92 -4.07 -18.12 -16.35
C ALA B 92 -5.02 -19.21 -15.88
N LYS B 93 -6.17 -19.32 -16.54
CA LYS B 93 -7.13 -20.36 -16.19
C LYS B 93 -6.55 -21.72 -16.53
N VAL B 94 -6.65 -22.66 -15.58
CA VAL B 94 -6.26 -24.05 -15.79
C VAL B 94 -7.30 -24.95 -15.13
N ASP B 95 -7.36 -26.20 -15.59
CA ASP B 95 -8.28 -27.16 -15.00
C ASP B 95 -7.82 -27.57 -13.61
N ASN B 96 -6.55 -27.94 -13.46
CA ASN B 96 -5.98 -28.39 -12.20
C ASN B 96 -4.68 -27.65 -11.96
N ALA B 97 -4.71 -26.65 -11.06
CA ALA B 97 -3.55 -25.82 -10.80
C ALA B 97 -2.38 -26.60 -10.22
N ALA B 98 -2.62 -27.80 -9.69
CA ALA B 98 -1.53 -28.59 -9.13
C ALA B 98 -0.82 -29.45 -10.16
N THR B 99 -1.51 -29.83 -11.24
CA THR B 99 -0.94 -30.71 -12.25
C THR B 99 -0.77 -30.06 -13.61
N ALA B 100 -1.43 -28.93 -13.87
CA ALA B 100 -1.31 -28.28 -15.16
C ALA B 100 0.13 -27.87 -15.44
N SER B 101 0.56 -28.05 -16.68
CA SER B 101 1.85 -27.55 -17.11
C SER B 101 1.81 -26.03 -17.21
N LYS B 102 2.93 -25.38 -16.87
CA LYS B 102 3.02 -23.93 -17.00
C LYS B 102 3.16 -23.48 -18.44
N THR B 103 3.38 -24.40 -19.37
CA THR B 103 3.69 -24.07 -20.75
C THR B 103 2.42 -23.78 -21.55
N GLY B 104 2.47 -22.73 -22.36
CA GLY B 104 1.41 -22.47 -23.32
C GLY B 104 0.08 -22.07 -22.74
N LEU B 105 0.07 -21.36 -21.61
CA LEU B 105 -1.18 -20.93 -21.03
C LEU B 105 -1.62 -19.59 -21.61
N LYS B 106 -2.90 -19.26 -21.39
CA LYS B 106 -3.49 -18.00 -21.80
C LYS B 106 -3.52 -17.08 -20.60
N TRP B 107 -2.70 -16.03 -20.62
CA TRP B 107 -2.55 -15.14 -19.48
C TRP B 107 -3.26 -13.81 -19.73
N PHE B 108 -3.81 -13.24 -18.65
CA PHE B 108 -4.32 -11.88 -18.69
C PHE B 108 -3.87 -11.16 -17.42
N LYS B 109 -3.61 -9.86 -17.56
CA LYS B 109 -3.13 -9.06 -16.44
C LYS B 109 -4.29 -8.61 -15.58
N ILE B 110 -4.17 -8.80 -14.26
CA ILE B 110 -5.20 -8.35 -13.34
C ILE B 110 -4.78 -7.13 -12.53
N TRP B 111 -3.49 -6.83 -12.44
CA TRP B 111 -3.02 -5.81 -11.52
C TRP B 111 -1.61 -5.41 -11.87
N GLU B 112 -1.29 -4.12 -11.70
CA GLU B 112 0.09 -3.68 -11.84
C GLU B 112 0.32 -2.43 -11.02
N ASP B 113 1.46 -2.39 -10.34
CA ASP B 113 1.94 -1.25 -9.59
C ASP B 113 3.18 -0.75 -10.31
N THR B 114 3.02 0.32 -11.10
CA THR B 114 4.07 0.71 -12.03
C THR B 114 4.91 1.86 -11.50
N PHE B 115 4.54 3.10 -11.84
CA PHE B 115 5.32 4.27 -11.45
C PHE B 115 4.40 5.47 -11.34
N ASN B 116 4.46 6.15 -10.19
CA ASN B 116 3.69 7.35 -9.96
C ASN B 116 4.58 8.56 -10.18
N PRO B 117 4.46 9.27 -11.30
CA PRO B 117 5.39 10.40 -11.55
C PRO B 117 5.28 11.52 -10.54
N SER B 118 4.11 11.71 -9.92
CA SER B 118 3.96 12.81 -8.96
C SER B 118 4.79 12.56 -7.70
N THR B 119 4.78 11.33 -7.19
CA THR B 119 5.57 10.97 -6.02
C THR B 119 6.92 10.37 -6.37
N LYS B 120 7.18 10.08 -7.64
CA LYS B 120 8.43 9.44 -8.09
C LYS B 120 8.66 8.11 -7.38
N THR B 121 7.60 7.32 -7.20
CA THR B 121 7.68 6.03 -6.54
C THR B 121 7.29 4.92 -7.50
N TRP B 122 8.03 3.83 -7.45
CA TRP B 122 7.79 2.66 -8.28
C TRP B 122 7.06 1.59 -7.48
N GLY B 123 6.59 0.56 -8.19
CA GLY B 123 6.02 -0.59 -7.52
C GLY B 123 6.97 -1.23 -6.55
N VAL B 124 8.27 -1.27 -6.89
CA VAL B 124 9.26 -1.86 -6.00
C VAL B 124 9.41 -1.04 -4.72
N ASP B 125 9.30 0.28 -4.84
CA ASP B 125 9.31 1.13 -3.65
C ASP B 125 8.20 0.75 -2.69
N ASN B 126 6.98 0.57 -3.21
CA ASN B 126 5.87 0.13 -2.38
C ASN B 126 6.13 -1.27 -1.81
N LEU B 127 6.75 -2.15 -2.60
CA LEU B 127 7.11 -3.47 -2.10
C LEU B 127 8.03 -3.35 -0.89
N ILE B 128 9.04 -2.49 -0.99
CA ILE B 128 9.96 -2.28 0.12
C ILE B 128 9.23 -1.69 1.33
N ASN B 129 8.37 -0.69 1.10
CA ASN B 129 7.66 -0.07 2.22
C ASN B 129 6.72 -1.05 2.91
N ASN B 130 6.20 -2.02 2.17
CA ASN B 130 5.35 -3.06 2.72
C ASN B 130 6.15 -4.27 3.20
N ASN B 131 7.45 -4.11 3.39
CA ASN B 131 8.32 -5.14 3.96
C ASN B 131 8.33 -6.41 3.10
N GLY B 132 8.34 -6.23 1.78
CA GLY B 132 8.42 -7.32 0.85
C GLY B 132 7.10 -7.75 0.26
N TRP B 133 5.99 -7.33 0.84
CA TRP B 133 4.67 -7.76 0.38
C TRP B 133 4.18 -6.87 -0.76
N VAL B 134 3.65 -7.50 -1.80
CA VAL B 134 2.82 -6.82 -2.79
C VAL B 134 1.39 -7.26 -2.56
N TYR B 135 0.48 -6.31 -2.52
CA TYR B 135 -0.92 -6.56 -2.20
C TYR B 135 -1.78 -6.21 -3.40
N PHE B 136 -2.68 -7.12 -3.76
CA PHE B 136 -3.65 -6.87 -4.81
C PHE B 136 -4.88 -7.70 -4.53
N ASN B 137 -6.04 -7.12 -4.82
CA ASN B 137 -7.30 -7.82 -4.64
C ASN B 137 -7.69 -8.49 -5.94
N LEU B 138 -8.07 -9.76 -5.85
CA LEU B 138 -8.56 -10.45 -7.03
C LEU B 138 -9.82 -9.74 -7.53
N PRO B 139 -9.96 -9.55 -8.85
CA PRO B 139 -11.16 -8.92 -9.37
C PRO B 139 -12.42 -9.65 -8.92
N GLN B 140 -13.48 -8.87 -8.66
CA GLN B 140 -14.73 -9.45 -8.18
C GLN B 140 -15.38 -10.36 -9.21
N CYS B 141 -15.06 -10.16 -10.50
CA CYS B 141 -15.80 -10.79 -11.58
C CYS B 141 -15.14 -12.04 -12.15
N ILE B 142 -13.90 -12.36 -11.75
CA ILE B 142 -13.22 -13.50 -12.35
C ILE B 142 -13.96 -14.78 -12.00
N ALA B 143 -13.95 -15.73 -12.93
CA ALA B 143 -14.76 -16.94 -12.83
C ALA B 143 -14.14 -17.94 -11.86
N ASP B 144 -15.00 -18.76 -11.25
CA ASP B 144 -14.54 -19.80 -10.34
C ASP B 144 -13.62 -20.78 -11.07
N GLY B 145 -12.84 -21.51 -10.29
CA GLY B 145 -11.98 -22.55 -10.81
C GLY B 145 -10.51 -22.31 -10.47
N ASN B 146 -9.68 -23.21 -11.00
CA ASN B 146 -8.25 -23.16 -10.74
C ASN B 146 -7.57 -22.17 -11.65
N TYR B 147 -6.54 -21.50 -11.12
CA TYR B 147 -5.72 -20.59 -11.90
C TYR B 147 -4.27 -20.75 -11.46
N LEU B 148 -3.36 -20.33 -12.33
CA LEU B 148 -1.99 -20.01 -11.93
C LEU B 148 -1.91 -18.50 -11.76
N LEU B 149 -1.44 -18.06 -10.58
CA LEU B 149 -1.27 -16.65 -10.28
C LEU B 149 0.22 -16.31 -10.43
N ARG B 150 0.52 -15.43 -11.37
CA ARG B 150 1.88 -15.08 -11.73
C ARG B 150 2.18 -13.68 -11.24
N VAL B 151 3.16 -13.54 -10.34
CA VAL B 151 3.56 -12.24 -9.80
C VAL B 151 4.97 -11.95 -10.27
N GLU B 152 5.20 -10.72 -10.73
CA GLU B 152 6.40 -10.40 -11.50
C GLU B 152 6.94 -9.04 -11.10
N VAL B 153 8.14 -9.03 -10.52
CA VAL B 153 8.88 -7.81 -10.24
C VAL B 153 9.85 -7.56 -11.39
N LEU B 154 9.81 -6.37 -11.96
CA LEU B 154 10.68 -5.97 -13.06
C LEU B 154 11.61 -4.88 -12.56
N ALA B 155 12.87 -5.24 -12.25
CA ALA B 155 13.86 -4.28 -11.82
C ALA B 155 14.54 -3.66 -13.03
N LEU B 156 14.57 -2.32 -13.08
CA LEU B 156 15.03 -1.58 -14.25
C LEU B 156 16.30 -0.78 -13.99
N HIS B 157 17.03 -1.09 -12.92
CA HIS B 157 18.16 -0.27 -12.53
C HIS B 157 19.27 -0.27 -13.58
N SER B 158 19.40 -1.35 -14.37
CA SER B 158 20.36 -1.39 -15.46
C SER B 158 19.70 -1.68 -16.80
N ALA B 159 18.42 -1.34 -16.95
CA ALA B 159 17.66 -1.67 -18.15
C ALA B 159 17.93 -0.73 -19.32
N TYR B 160 18.83 0.24 -19.16
CA TYR B 160 19.18 1.12 -20.27
C TYR B 160 19.92 0.40 -21.39
N SER B 161 20.36 -0.83 -21.17
CA SER B 161 20.92 -1.65 -22.23
C SER B 161 20.05 -2.90 -22.43
N GLN B 162 19.98 -3.34 -23.67
CA GLN B 162 19.10 -4.45 -24.03
C GLN B 162 19.49 -5.73 -23.29
N GLY B 163 18.48 -6.46 -22.85
CA GLY B 163 18.70 -7.73 -22.17
C GLY B 163 19.19 -7.63 -20.75
N GLN B 164 19.27 -6.43 -20.19
N GLN B 164 19.27 -6.43 -20.19
CA GLN B 164 19.74 -6.22 -18.83
CA GLN B 164 19.75 -6.21 -18.84
C GLN B 164 18.64 -5.91 -17.85
C GLN B 164 18.64 -5.89 -17.84
N ALA B 165 17.38 -5.89 -18.29
CA ALA B 165 16.27 -5.77 -17.35
C ALA B 165 16.15 -7.07 -16.57
N GLN B 166 15.80 -6.96 -15.29
CA GLN B 166 15.81 -8.10 -14.38
C GLN B 166 14.39 -8.43 -13.92
N PHE B 167 14.01 -9.69 -14.09
CA PHE B 167 12.70 -10.19 -13.70
C PHE B 167 12.81 -11.18 -12.55
N PHE B 168 11.92 -11.07 -11.57
CA PHE B 168 11.85 -11.99 -10.44
C PHE B 168 10.41 -12.46 -10.32
N GLN B 169 10.17 -13.72 -10.69
CA GLN B 169 8.82 -14.25 -10.81
C GLN B 169 8.66 -15.54 -10.04
N SER B 170 7.42 -15.79 -9.59
CA SER B 170 6.98 -17.09 -9.12
C SER B 170 5.50 -17.22 -9.49
N CYS B 171 4.98 -18.43 -9.35
CA CYS B 171 3.56 -18.70 -9.60
C CYS B 171 2.91 -19.27 -8.35
N ALA B 172 1.66 -18.88 -8.13
CA ALA B 172 0.84 -19.43 -7.05
C ALA B 172 -0.30 -20.23 -7.67
N GLN B 173 -0.52 -21.43 -7.13
CA GLN B 173 -1.61 -22.29 -7.56
C GLN B 173 -2.83 -22.00 -6.69
N ILE B 174 -3.88 -21.46 -7.30
CA ILE B 174 -5.03 -20.99 -6.55
C ILE B 174 -6.31 -21.59 -7.12
N ASN B 175 -7.38 -21.50 -6.33
CA ASN B 175 -8.72 -21.85 -6.76
C ASN B 175 -9.68 -20.76 -6.30
N VAL B 176 -10.48 -20.26 -7.25
CA VAL B 176 -11.36 -19.13 -7.00
C VAL B 176 -12.77 -19.63 -6.71
N SER B 177 -13.36 -19.13 -5.63
CA SER B 177 -14.75 -19.39 -5.28
C SER B 177 -15.50 -18.06 -5.18
N GLY B 178 -16.82 -18.15 -5.27
CA GLY B 178 -17.66 -16.96 -5.20
C GLY B 178 -17.39 -15.96 -6.29
N GLY B 179 -16.96 -16.41 -7.46
CA GLY B 179 -16.57 -15.53 -8.54
C GLY B 179 -17.73 -15.10 -9.41
N GLY B 180 -17.40 -14.41 -10.49
CA GLY B 180 -18.38 -13.94 -11.45
C GLY B 180 -18.32 -14.71 -12.75
N SER B 181 -18.56 -14.02 -13.86
CA SER B 181 -18.60 -14.64 -15.17
C SER B 181 -17.63 -13.99 -16.16
N PHE B 182 -16.59 -13.33 -15.66
CA PHE B 182 -15.62 -12.69 -16.54
C PHE B 182 -14.84 -13.74 -17.29
N THR B 183 -14.73 -13.55 -18.60
CA THR B 183 -13.76 -14.29 -19.42
C THR B 183 -12.98 -13.26 -20.22
N PRO B 184 -11.66 -13.41 -20.31
CA PRO B 184 -10.84 -12.37 -20.95
C PRO B 184 -11.14 -12.26 -22.43
N ALA B 185 -11.32 -11.01 -22.90
CA ALA B 185 -11.53 -10.78 -24.32
C ALA B 185 -10.30 -11.13 -25.14
N SER B 186 -9.12 -11.00 -24.55
CA SER B 186 -7.87 -11.37 -25.20
C SER B 186 -6.86 -11.78 -24.14
N THR B 187 -6.01 -12.73 -24.50
CA THR B 187 -4.96 -13.20 -23.62
C THR B 187 -3.61 -13.06 -24.32
N VAL B 188 -2.54 -13.28 -23.55
CA VAL B 188 -1.18 -13.24 -24.07
C VAL B 188 -0.46 -14.52 -23.66
N SER B 189 0.70 -14.73 -24.27
CA SER B 189 1.52 -15.90 -23.98
C SER B 189 2.74 -15.50 -23.17
N PHE B 190 3.25 -16.45 -22.39
CA PHE B 190 4.55 -16.31 -21.74
C PHE B 190 5.34 -17.58 -22.03
N PRO B 191 6.50 -17.48 -22.69
CA PRO B 191 7.08 -16.25 -23.26
C PRO B 191 6.27 -15.74 -24.45
N GLY B 192 6.55 -14.54 -24.94
CA GLY B 192 5.84 -14.03 -26.10
C GLY B 192 5.24 -12.64 -25.89
N ALA B 193 4.73 -12.38 -24.68
CA ALA B 193 4.06 -11.11 -24.43
C ALA B 193 5.03 -9.95 -24.42
N TYR B 194 6.26 -10.16 -23.95
CA TYR B 194 7.25 -9.10 -23.85
C TYR B 194 8.27 -9.21 -24.98
N SER B 195 8.80 -8.05 -25.37
CA SER B 195 9.93 -7.99 -26.28
C SER B 195 11.06 -7.23 -25.60
N ALA B 196 12.30 -7.60 -25.93
CA ALA B 196 13.45 -6.98 -25.29
C ALA B 196 13.57 -5.49 -25.61
N SER B 197 12.83 -5.02 -26.62
CA SER B 197 12.85 -3.62 -27.02
C SER B 197 11.60 -2.87 -26.62
N ASP B 198 10.76 -3.45 -25.76
CA ASP B 198 9.57 -2.76 -25.29
C ASP B 198 9.98 -1.50 -24.53
N PRO B 199 9.23 -0.40 -24.67
CA PRO B 199 9.60 0.84 -23.98
C PRO B 199 9.60 0.73 -22.47
N GLY B 200 8.94 -0.29 -21.90
CA GLY B 200 8.97 -0.51 -20.47
C GLY B 200 10.05 -1.46 -20.01
N ILE B 201 10.81 -2.04 -20.93
CA ILE B 201 11.86 -3.00 -20.64
C ILE B 201 13.24 -2.48 -21.03
N LEU B 202 13.36 -1.94 -22.25
CA LEU B 202 14.57 -1.24 -22.68
C LEU B 202 14.34 0.24 -22.41
N ILE B 203 14.83 0.72 -21.27
CA ILE B 203 14.48 2.05 -20.80
C ILE B 203 15.58 2.57 -19.89
N ASN B 204 15.87 3.87 -20.01
CA ASN B 204 16.77 4.57 -19.10
C ASN B 204 15.92 5.34 -18.11
N ILE B 205 15.94 4.90 -16.84
CA ILE B 205 15.05 5.46 -15.83
C ILE B 205 15.73 6.60 -15.07
N TYR B 206 16.91 7.01 -15.51
CA TYR B 206 17.73 7.95 -14.75
C TYR B 206 17.55 9.37 -15.27
N GLY B 207 17.26 10.30 -14.36
CA GLY B 207 17.04 11.68 -14.70
C GLY B 207 18.32 12.49 -14.76
N ALA B 208 18.17 13.81 -14.72
CA ALA B 208 19.31 14.70 -14.92
C ALA B 208 20.36 14.52 -13.84
N THR B 209 19.94 14.51 -12.58
CA THR B 209 20.85 14.36 -11.46
C THR B 209 21.14 12.90 -11.11
N GLY B 210 20.95 11.98 -12.06
CA GLY B 210 21.29 10.59 -11.87
C GLY B 210 20.35 9.80 -10.99
N GLN B 211 19.20 10.35 -10.63
CA GLN B 211 18.30 9.59 -9.77
C GLN B 211 17.31 8.80 -10.60
N PRO B 212 16.87 7.63 -10.12
CA PRO B 212 15.98 6.76 -10.91
C PRO B 212 14.52 7.20 -10.86
N ASP B 213 14.25 8.41 -11.34
CA ASP B 213 12.92 9.01 -11.31
C ASP B 213 12.24 9.01 -12.67
N ASN B 214 12.82 8.32 -13.66
CA ASN B 214 12.27 8.24 -15.02
C ASN B 214 12.11 9.62 -15.65
N ASN B 215 12.90 10.59 -15.19
CA ASN B 215 12.79 12.00 -15.60
C ASN B 215 11.37 12.53 -15.38
N GLY B 216 10.71 12.05 -14.33
CA GLY B 216 9.34 12.46 -14.05
C GLY B 216 8.37 12.18 -15.18
N GLN B 217 8.72 11.24 -16.07
CA GLN B 217 7.89 10.90 -17.21
C GLN B 217 7.01 9.70 -16.90
N PRO B 218 5.86 9.58 -17.53
CA PRO B 218 5.04 8.38 -17.31
C PRO B 218 5.77 7.15 -17.80
N TYR B 219 5.43 6.01 -17.23
CA TYR B 219 6.03 4.73 -17.56
C TYR B 219 4.96 3.80 -18.10
N THR B 220 5.30 3.07 -19.16
CA THR B 220 4.39 2.13 -19.81
C THR B 220 4.87 0.71 -19.52
N ALA B 221 4.18 0.02 -18.61
CA ALA B 221 4.54 -1.36 -18.29
C ALA B 221 4.33 -2.27 -19.50
N PRO B 222 5.16 -3.29 -19.66
CA PRO B 222 4.99 -4.21 -20.78
C PRO B 222 3.76 -5.10 -20.59
N GLY B 223 3.35 -5.73 -21.69
CA GLY B 223 2.22 -6.62 -21.68
C GLY B 223 0.90 -5.88 -21.81
N PRO B 224 -0.20 -6.62 -21.78
CA PRO B 224 -1.53 -6.00 -21.93
C PRO B 224 -1.91 -5.18 -20.69
N ALA B 225 -2.94 -4.36 -20.87
CA ALA B 225 -3.48 -3.59 -19.76
C ALA B 225 -4.23 -4.50 -18.79
N PRO B 226 -4.32 -4.13 -17.52
CA PRO B 226 -5.10 -4.94 -16.57
C PRO B 226 -6.56 -5.01 -17.01
N ILE B 227 -7.17 -6.18 -16.82
CA ILE B 227 -8.58 -6.32 -17.17
C ILE B 227 -9.43 -5.47 -16.24
N SER B 228 -10.67 -5.21 -16.68
CA SER B 228 -11.60 -4.40 -15.91
C SER B 228 -12.96 -5.09 -15.86
N CYS B 229 -13.50 -5.26 -14.66
CA CYS B 229 -14.84 -5.80 -14.51
C CYS B 229 -15.87 -4.79 -14.98
CU CU C . -19.00 8.38 6.65
O1 OXY D . -22.10 8.98 3.99
O2 OXY D . -21.43 9.98 4.17
C ACT E . 4.26 22.73 24.10
O ACT E . 3.16 22.47 24.64
OXT ACT E . 5.41 22.33 24.41
CH3 ACT E . 4.21 23.68 22.85
C1 EDO F . -20.14 12.58 -9.81
O1 EDO F . -21.21 13.09 -9.01
C2 EDO F . -19.89 13.48 -11.02
O2 EDO F . -18.89 12.92 -11.86
C1 EDO G . -21.15 -7.37 17.11
O1 EDO G . -20.12 -7.31 16.11
C2 EDO G . -21.63 -5.96 17.42
O2 EDO G . -22.87 -6.01 18.14
CU CU H . 19.04 -7.77 -8.15
O1 OXY I . 22.22 -5.95 -10.20
O2 OXY I . 21.53 -6.42 -9.33
C1 EDO J . 5.63 -27.95 -15.26
O1 EDO J . 4.88 -27.01 -16.02
C2 EDO J . 6.73 -27.23 -14.49
O2 EDO J . 6.12 -26.25 -13.63
C1 EDO K . 22.59 6.01 -17.21
O1 EDO K . 23.90 5.43 -17.33
C2 EDO K . 22.70 7.53 -17.18
O2 EDO K . 22.32 8.06 -18.46
#